data_8RMJ
#
_entry.id   8RMJ
#
_cell.length_a   181.489
_cell.length_b   181.489
_cell.length_c   168.379
_cell.angle_alpha   90.000
_cell.angle_beta   90.000
_cell.angle_gamma   120.000
#
_symmetry.space_group_name_H-M   'P 65 2 2'
#
loop_
_entity.id
_entity.type
_entity.pdbx_description
1 polymer FI18622p1
2 branched 2-acetamido-2-deoxy-beta-D-glucopyranose-(1-4)-2-acetamido-2-deoxy-beta-D-glucopyranose
3 branched alpha-D-mannopyranose-(1-3)-[alpha-D-mannopyranose-(1-6)]alpha-D-mannopyranose-(1-6)-[alpha-D-mannopyranose-(1-3)]beta-D-mannopyranose-(1-4)-2-acetamido-2-deoxy-beta-D-glucopyranose-(1-4)-2-acetamido-2-deoxy-beta-D-glucopyranose
4 branched alpha-D-mannopyranose-(1-2)-alpha-D-mannopyranose-(1-6)-[alpha-D-mannopyranose-(1-3)]alpha-D-mannopyranose-(1-6)-[alpha-D-mannopyranose-(1-2)-alpha-D-mannopyranose-(1-3)]beta-D-mannopyranose-(1-4)-2-acetamido-2-deoxy-beta-D-glucopyranose-(1-4)-2-acetamido-2-deoxy-beta-D-glucopyranose
5 branched alpha-D-mannopyranose-(1-6)-beta-D-mannopyranose-(1-4)-2-acetamido-2-deoxy-beta-D-glucopyranose-(1-4)-2-acetamido-2-deoxy-beta-D-glucopyranose
6 branched 1,3,4,6-tetra-O-sulfo-beta-D-fructofuranose-(2-1)-2,3,4,6-tetra-O-sulfonato-alpha-D-glucopyranose
7 non-polymer 2-acetamido-2-deoxy-beta-D-glucopyranose
#
_entity_poly.entity_id   1
_entity_poly.type   'polypeptide(L)'
_entity_poly.pdbx_seq_one_letter_code
;ETGYENTWNLYYEPPCCTGSSAAHHLRHHKEHVQDFSCGPLHYKTFYMDERNNALYVGAMDRIFRLNLRNISQSICERDV
LILEPTGSDILNCVSKGKREKVECRNHIRVIQPMNFNGQKLYVCGTNAHNPKDYVINANLTHLPRSQYVPGIGLGIGKCP
YDPADNSTAVYVENGNPFGLPALYAGTNAEFTKADSVIFRSDLYNLTNGRKEANFKRTVKYDSKLLDKPNFVGSFEIGEF
VYFFFREHAVEYINCGKAVYSRVARVCKNDRGGKYMISQNWATYLKARMNCSISSEFPFYFNEIQSVYKMPTDDTKFYAT
FTTNTNGLIGSAVCSYDIRDINAAFDGKFKEQATSNSAWLPVLNSKVPEPRPGTCHNDTATLPDSVLNFIRKHPLMDKAV
DHEFGNPVFFKRDVILTKLVVDKIRIDKLNQEFLVYFVATTSGHIYKIVQFMHYGQRHSNLVDIFEASPHSEPIREMTLS
HKTGSLYVATDHQVKQIDIAMCARRYDSCFRCVSDPYCGWDKDVNACRPYQLGLLQDVANETSGICDTSVLRKKVTSSYG
QTLHLSCFVKMPEVLRKKQTRWYHHSTEKGRYEVRYTPTKYIDTNEGGLVLLAVNEGDGGRYDSYLDGTLLCSYGVTVDA
HRCSPPSQGTKHHHHHH
;
_entity_poly.pdbx_strand_id   A
#
# COMPACT_ATOMS: atom_id res chain seq x y z
N ASN A 9 -11.40 24.19 29.36
CA ASN A 9 -10.85 23.98 28.02
C ASN A 9 -9.41 23.49 28.11
N LEU A 10 -9.20 22.22 27.72
CA LEU A 10 -7.96 21.50 27.87
C LEU A 10 -7.37 21.20 26.50
N TYR A 11 -6.62 20.11 26.38
CA TYR A 11 -6.16 19.65 25.08
C TYR A 11 -7.33 19.12 24.27
N TYR A 12 -7.32 19.39 22.97
CA TYR A 12 -8.39 18.94 22.10
C TYR A 12 -7.88 18.80 20.67
N GLU A 13 -8.06 17.61 20.10
CA GLU A 13 -7.70 17.35 18.72
C GLU A 13 -8.97 17.10 17.92
N PRO A 14 -9.21 17.85 16.83
CA PRO A 14 -10.43 17.63 16.07
C PRO A 14 -10.42 16.28 15.38
N PRO A 15 -11.60 15.70 15.15
CA PRO A 15 -11.65 14.38 14.49
C PRO A 15 -11.21 14.47 13.04
N CYS A 16 -11.02 13.29 12.44
CA CYS A 16 -10.52 13.19 11.08
C CYS A 16 -10.67 11.75 10.61
N CYS A 17 -11.06 11.56 9.35
CA CYS A 17 -11.36 12.66 8.43
C CYS A 17 -12.65 12.41 7.66
N THR A 18 -13.77 12.39 8.38
CA THR A 18 -15.09 12.20 7.77
C THR A 18 -15.95 13.41 8.17
N GLY A 19 -15.86 14.48 7.39
CA GLY A 19 -16.62 15.68 7.65
C GLY A 19 -15.92 16.63 8.59
N LYS A 30 -7.39 26.60 7.03
CA LYS A 30 -6.88 25.85 5.88
C LYS A 30 -7.58 24.50 5.75
N GLU A 31 -8.01 24.18 4.54
CA GLU A 31 -8.70 22.92 4.27
C GLU A 31 -7.67 21.84 3.94
N HIS A 32 -7.75 20.71 4.64
CA HIS A 32 -6.86 19.59 4.40
C HIS A 32 -7.58 18.35 3.88
N VAL A 33 -8.91 18.33 3.88
CA VAL A 33 -9.70 17.21 3.40
C VAL A 33 -10.59 17.70 2.28
N GLN A 34 -10.43 17.13 1.09
CA GLN A 34 -11.24 17.46 -0.06
C GLN A 34 -11.92 16.20 -0.59
N ASP A 35 -13.17 16.34 -1.02
CA ASP A 35 -13.98 15.21 -1.45
C ASP A 35 -14.41 15.38 -2.91
N PHE A 36 -14.76 14.26 -3.52
CA PHE A 36 -15.29 14.24 -4.88
C PHE A 36 -16.16 13.00 -5.03
N SER A 37 -17.36 13.16 -5.60
CA SER A 37 -18.28 12.05 -5.73
C SER A 37 -19.35 12.40 -6.76
N CYS A 38 -19.61 11.46 -7.67
CA CYS A 38 -20.73 11.55 -8.59
C CYS A 38 -21.71 10.40 -8.41
N GLY A 39 -21.66 9.74 -7.25
CA GLY A 39 -22.49 8.60 -6.97
C GLY A 39 -21.67 7.35 -6.72
N PRO A 40 -22.31 6.29 -6.22
CA PRO A 40 -21.60 5.02 -6.02
C PRO A 40 -21.17 4.40 -7.34
N LEU A 41 -19.95 4.71 -7.79
CA LEU A 41 -19.48 4.30 -9.11
C LEU A 41 -18.37 3.25 -9.04
N HIS A 42 -18.12 2.67 -7.87
CA HIS A 42 -17.10 1.62 -7.68
C HIS A 42 -15.75 2.06 -8.25
N TYR A 43 -15.17 3.05 -7.57
CA TYR A 43 -13.94 3.66 -8.04
C TYR A 43 -12.75 2.73 -7.80
N LYS A 44 -11.76 2.83 -8.69
CA LYS A 44 -10.60 1.96 -8.68
C LYS A 44 -9.60 2.48 -9.70
N THR A 45 -8.35 2.01 -9.61
CA THR A 45 -7.31 2.26 -10.59
C THR A 45 -6.85 3.72 -10.61
N PHE A 46 -5.60 3.94 -10.21
CA PHE A 46 -5.02 5.27 -10.15
C PHE A 46 -3.93 5.45 -11.19
N TYR A 47 -3.78 6.69 -11.67
CA TYR A 47 -2.60 7.11 -12.42
C TYR A 47 -2.34 8.56 -12.06
N MET A 48 -1.17 8.82 -11.47
CA MET A 48 -0.81 10.14 -10.98
C MET A 48 0.22 10.75 -11.91
N ASP A 49 -0.15 11.87 -12.55
CA ASP A 49 0.76 12.66 -13.37
C ASP A 49 1.01 13.96 -12.62
N GLU A 50 2.16 14.05 -11.95
CA GLU A 50 2.47 15.22 -11.14
C GLU A 50 2.76 16.46 -11.98
N ARG A 51 3.16 16.28 -13.24
CA ARG A 51 3.53 17.42 -14.08
C ARG A 51 2.32 18.15 -14.64
N ASN A 52 1.16 17.49 -14.75
CA ASN A 52 -0.03 18.08 -15.33
C ASN A 52 -1.14 18.29 -14.32
N ASN A 53 -0.88 18.03 -13.03
CA ASN A 53 -1.85 18.26 -11.96
C ASN A 53 -3.17 17.56 -12.24
N ALA A 54 -3.07 16.26 -12.55
CA ALA A 54 -4.24 15.47 -12.89
C ALA A 54 -4.09 14.07 -12.29
N LEU A 55 -5.19 13.55 -11.74
CA LEU A 55 -5.24 12.21 -11.19
C LEU A 55 -6.34 11.44 -11.91
N TYR A 56 -5.95 10.48 -12.73
CA TYR A 56 -6.91 9.69 -13.50
C TYR A 56 -7.42 8.54 -12.65
N VAL A 57 -8.72 8.54 -12.39
CA VAL A 57 -9.36 7.53 -11.55
C VAL A 57 -10.40 6.80 -12.39
N GLY A 58 -10.31 5.47 -12.42
CA GLY A 58 -11.31 4.67 -13.08
C GLY A 58 -12.52 4.45 -12.20
N ALA A 59 -13.60 4.00 -12.83
CA ALA A 59 -14.85 3.73 -12.12
C ALA A 59 -15.73 2.85 -13.01
N MET A 60 -16.92 2.55 -12.53
CA MET A 60 -17.88 1.75 -13.29
C MET A 60 -18.40 2.58 -14.47
N ASP A 61 -18.01 2.18 -15.67
CA ASP A 61 -18.42 2.78 -16.94
C ASP A 61 -17.89 4.19 -17.14
N ARG A 62 -16.93 4.64 -16.33
CA ARG A 62 -16.45 6.02 -16.41
C ARG A 62 -14.97 6.07 -16.09
N ILE A 63 -14.30 7.08 -16.63
CA ILE A 63 -12.95 7.46 -16.24
C ILE A 63 -12.94 8.97 -16.03
N PHE A 64 -12.35 9.42 -14.93
CA PHE A 64 -12.36 10.82 -14.56
C PHE A 64 -10.95 11.39 -14.64
N ARG A 65 -10.88 12.72 -14.74
CA ARG A 65 -9.63 13.48 -14.68
C ARG A 65 -9.81 14.57 -13.64
N LEU A 66 -9.22 14.37 -12.46
CA LEU A 66 -9.43 15.25 -11.33
C LEU A 66 -8.29 16.24 -11.19
N ASN A 67 -8.53 17.27 -10.38
CA ASN A 67 -7.54 18.29 -10.06
C ASN A 67 -6.67 17.80 -8.91
N LEU A 68 -5.35 17.72 -9.14
CA LEU A 68 -4.47 17.09 -8.16
C LEU A 68 -4.30 17.95 -6.92
N ARG A 69 -4.25 19.28 -7.07
CA ARG A 69 -4.11 20.15 -5.91
C ARG A 69 -5.41 20.30 -5.14
N ASN A 70 -6.57 20.10 -5.78
CA ASN A 70 -7.86 20.25 -5.09
C ASN A 70 -8.90 19.49 -5.92
N ILE A 71 -9.17 18.24 -5.53
CA ILE A 71 -10.08 17.38 -6.30
C ILE A 71 -11.52 17.88 -6.32
N SER A 72 -11.85 18.87 -5.49
CA SER A 72 -13.21 19.38 -5.45
C SER A 72 -13.53 20.34 -6.59
N GLN A 73 -12.53 20.80 -7.33
CA GLN A 73 -12.73 21.74 -8.42
C GLN A 73 -13.09 21.07 -9.74
N SER A 74 -13.36 19.77 -9.72
CA SER A 74 -13.67 19.01 -10.93
C SER A 74 -15.18 18.77 -11.01
N ILE A 75 -15.72 18.97 -12.21
CA ILE A 75 -17.15 18.81 -12.45
C ILE A 75 -17.42 17.39 -12.92
N CYS A 76 -18.52 16.80 -12.44
CA CYS A 76 -18.89 15.45 -12.84
C CYS A 76 -19.22 15.36 -14.32
N GLU A 77 -19.54 16.48 -14.97
CA GLU A 77 -19.94 16.49 -16.37
C GLU A 77 -18.83 16.94 -17.29
N ARG A 78 -18.03 17.93 -16.88
CA ARG A 78 -16.98 18.45 -17.75
C ARG A 78 -15.73 17.58 -17.71
N ASP A 79 -15.46 16.93 -16.59
CA ASP A 79 -14.24 16.14 -16.41
C ASP A 79 -14.60 14.65 -16.30
N VAL A 80 -15.10 14.10 -17.41
CA VAL A 80 -15.47 12.69 -17.45
C VAL A 80 -15.54 12.26 -18.91
N LEU A 81 -15.40 10.95 -19.15
CA LEU A 81 -15.57 10.37 -20.48
C LEU A 81 -16.20 8.99 -20.28
N ILE A 82 -17.51 8.90 -20.49
CA ILE A 82 -18.23 7.66 -20.20
C ILE A 82 -17.87 6.60 -21.22
N LEU A 83 -17.62 5.38 -20.75
CA LEU A 83 -17.20 4.25 -21.57
C LEU A 83 -17.99 3.00 -21.18
N GLU A 84 -19.31 3.08 -21.25
CA GLU A 84 -20.16 1.97 -20.86
C GLU A 84 -20.15 0.86 -21.91
N PRO A 85 -20.41 -0.38 -21.51
CA PRO A 85 -20.35 -1.50 -22.46
C PRO A 85 -21.41 -1.39 -23.53
N THR A 86 -21.23 -2.21 -24.58
CA THR A 86 -22.20 -2.30 -25.65
C THR A 86 -23.31 -3.27 -25.29
N GLY A 87 -24.48 -3.06 -25.91
CA GLY A 87 -25.62 -3.91 -25.61
C GLY A 87 -25.40 -5.36 -26.00
N SER A 88 -24.61 -5.59 -27.04
CA SER A 88 -24.31 -6.97 -27.44
C SER A 88 -23.54 -7.71 -26.35
N ASP A 89 -22.62 -7.01 -25.69
CA ASP A 89 -21.87 -7.62 -24.59
C ASP A 89 -22.71 -7.76 -23.33
N ILE A 90 -23.72 -6.91 -23.16
CA ILE A 90 -24.58 -7.00 -21.98
C ILE A 90 -25.46 -8.24 -22.06
N LEU A 91 -26.05 -8.50 -23.23
CA LEU A 91 -26.89 -9.67 -23.39
C LEU A 91 -26.09 -10.96 -23.20
N ASN A 92 -24.85 -10.97 -23.67
CA ASN A 92 -23.99 -12.13 -23.42
C ASN A 92 -23.79 -12.35 -21.92
N CYS A 93 -23.55 -11.27 -21.17
CA CYS A 93 -23.27 -11.40 -19.74
C CYS A 93 -24.51 -11.81 -18.97
N VAL A 94 -25.69 -11.33 -19.37
CA VAL A 94 -26.92 -11.73 -18.70
C VAL A 94 -27.22 -13.20 -18.97
N SER A 95 -26.93 -13.66 -20.19
CA SER A 95 -27.17 -15.06 -20.53
C SER A 95 -26.24 -16.02 -19.79
N LYS A 96 -25.08 -15.54 -19.35
CA LYS A 96 -24.17 -16.40 -18.58
C LYS A 96 -24.78 -16.77 -17.23
N GLY A 97 -25.34 -15.79 -16.53
CA GLY A 97 -25.90 -16.02 -15.22
C GLY A 97 -25.42 -14.99 -14.21
N LYS A 98 -24.77 -13.95 -14.70
CA LYS A 98 -24.27 -12.88 -13.85
C LYS A 98 -25.30 -11.76 -13.76
N ARG A 99 -25.39 -11.16 -12.57
CA ARG A 99 -26.33 -10.06 -12.37
C ARG A 99 -25.91 -8.85 -13.20
N GLU A 100 -26.87 -8.29 -13.94
CA GLU A 100 -26.58 -7.20 -14.85
C GLU A 100 -26.40 -5.86 -14.15
N LYS A 101 -26.66 -5.77 -12.84
CA LYS A 101 -26.62 -4.47 -12.17
C LYS A 101 -25.21 -3.93 -12.08
N VAL A 102 -24.26 -4.76 -11.63
CA VAL A 102 -22.89 -4.29 -11.43
C VAL A 102 -21.90 -5.20 -12.13
N GLU A 103 -22.19 -6.51 -12.15
CA GLU A 103 -21.22 -7.46 -12.72
C GLU A 103 -21.11 -7.30 -14.22
N CYS A 104 -22.22 -7.07 -14.91
CA CYS A 104 -22.22 -6.92 -16.36
C CYS A 104 -21.90 -5.50 -16.81
N ARG A 105 -21.24 -4.71 -15.97
CA ARG A 105 -20.82 -3.36 -16.32
C ARG A 105 -19.34 -3.37 -16.70
N ASN A 106 -18.80 -2.18 -16.95
CA ASN A 106 -17.40 -2.00 -17.32
C ASN A 106 -16.68 -1.30 -16.17
N HIS A 107 -15.77 -2.03 -15.52
CA HIS A 107 -14.99 -1.50 -14.41
C HIS A 107 -13.54 -1.38 -14.86
N ILE A 108 -13.03 -0.15 -14.92
CA ILE A 108 -11.68 0.09 -15.39
C ILE A 108 -10.68 -0.51 -14.41
N ARG A 109 -9.66 -1.19 -14.96
CA ARG A 109 -8.61 -1.79 -14.15
C ARG A 109 -7.20 -1.39 -14.55
N VAL A 110 -7.01 -0.76 -15.70
CA VAL A 110 -5.68 -0.38 -16.18
C VAL A 110 -5.73 1.03 -16.74
N ILE A 111 -4.87 1.90 -16.23
CA ILE A 111 -4.68 3.26 -16.75
C ILE A 111 -3.18 3.52 -16.75
N GLN A 112 -2.57 3.56 -17.93
CA GLN A 112 -1.13 3.66 -18.07
C GLN A 112 -0.76 4.72 -19.09
N PRO A 113 0.40 5.36 -18.92
CA PRO A 113 0.85 6.35 -19.90
C PRO A 113 1.30 5.68 -21.18
N MET A 114 0.87 6.24 -22.31
CA MET A 114 1.13 5.68 -23.63
C MET A 114 1.64 6.78 -24.53
N ASN A 115 2.73 6.51 -25.26
CA ASN A 115 3.38 7.49 -26.12
C ASN A 115 3.20 7.07 -27.58
N PHE A 116 2.12 7.54 -28.19
CA PHE A 116 1.80 7.27 -29.59
C PHE A 116 1.33 8.57 -30.23
N ASN A 117 2.11 9.10 -31.17
CA ASN A 117 1.87 10.42 -31.74
C ASN A 117 1.73 11.46 -30.62
N GLY A 118 2.60 11.36 -29.64
CA GLY A 118 2.49 12.12 -28.40
C GLY A 118 2.04 11.25 -27.25
N GLN A 119 1.91 11.89 -26.09
CA GLN A 119 1.50 11.19 -24.88
C GLN A 119 -0.02 11.02 -24.87
N LYS A 120 -0.47 9.77 -24.76
CA LYS A 120 -1.88 9.45 -24.63
C LYS A 120 -2.06 8.45 -23.49
N LEU A 121 -3.29 8.01 -23.28
CA LEU A 121 -3.62 7.08 -22.20
C LEU A 121 -3.98 5.72 -22.77
N TYR A 122 -3.50 4.67 -22.11
CA TYR A 122 -3.97 3.32 -22.34
C TYR A 122 -4.97 2.97 -21.26
N VAL A 123 -6.12 2.42 -21.67
CA VAL A 123 -7.20 2.08 -20.75
C VAL A 123 -7.65 0.66 -21.03
N CYS A 124 -8.09 -0.02 -19.98
CA CYS A 124 -8.62 -1.37 -20.08
C CYS A 124 -9.72 -1.53 -19.04
N GLY A 125 -10.75 -2.30 -19.40
CA GLY A 125 -11.89 -2.50 -18.52
C GLY A 125 -12.49 -3.87 -18.66
N THR A 126 -13.24 -4.27 -17.63
CA THR A 126 -13.86 -5.59 -17.62
C THR A 126 -14.83 -5.75 -18.80
N ASN A 127 -15.72 -4.77 -18.97
CA ASN A 127 -16.62 -4.70 -20.13
C ASN A 127 -17.52 -5.93 -20.20
N ALA A 128 -18.38 -6.03 -19.19
CA ALA A 128 -19.43 -7.06 -19.12
C ALA A 128 -18.85 -8.46 -19.30
N HIS A 129 -17.73 -8.71 -18.61
CA HIS A 129 -17.00 -9.97 -18.73
C HIS A 129 -16.56 -10.22 -20.17
N ASN A 130 -16.07 -9.18 -20.82
CA ASN A 130 -15.50 -9.28 -22.16
C ASN A 130 -14.48 -8.16 -22.32
N PRO A 131 -13.25 -8.38 -21.87
CA PRO A 131 -12.30 -7.27 -21.74
C PRO A 131 -12.00 -6.60 -23.08
N LYS A 132 -11.96 -5.26 -23.05
CA LYS A 132 -11.70 -4.45 -24.23
C LYS A 132 -10.85 -3.25 -23.81
N ASP A 133 -9.82 -2.95 -24.59
CA ASP A 133 -8.93 -1.84 -24.31
C ASP A 133 -9.16 -0.71 -25.30
N TYR A 134 -8.62 0.46 -24.97
CA TYR A 134 -8.79 1.66 -25.79
C TYR A 134 -7.50 2.47 -25.76
N VAL A 135 -7.47 3.50 -26.61
CA VAL A 135 -6.44 4.52 -26.59
C VAL A 135 -7.14 5.87 -26.67
N ILE A 136 -7.00 6.69 -25.62
CA ILE A 136 -7.69 7.95 -25.53
C ILE A 136 -6.67 9.06 -25.29
N ASN A 137 -7.08 10.29 -25.60
CA ASN A 137 -6.25 11.46 -25.40
C ASN A 137 -6.25 11.88 -23.94
N ALA A 138 -5.28 12.73 -23.59
CA ALA A 138 -5.14 13.18 -22.21
C ALA A 138 -6.37 13.96 -21.74
N ASN A 139 -7.05 14.64 -22.65
CA ASN A 139 -8.21 15.45 -22.31
C ASN A 139 -9.51 14.63 -22.26
N LEU A 140 -9.42 13.32 -22.09
CA LEU A 140 -10.59 12.44 -21.97
C LEU A 140 -11.50 12.56 -23.19
N THR A 141 -10.91 12.55 -24.37
CA THR A 141 -11.65 12.55 -25.62
C THR A 141 -11.17 11.39 -26.48
N HIS A 142 -12.12 10.67 -27.06
CA HIS A 142 -11.77 9.55 -27.94
C HIS A 142 -10.89 10.03 -29.08
N LEU A 143 -10.02 9.13 -29.55
CA LEU A 143 -9.27 9.40 -30.77
C LEU A 143 -10.23 9.53 -31.94
N PRO A 144 -9.81 10.22 -32.99
CA PRO A 144 -10.62 10.24 -34.23
C PRO A 144 -11.01 8.83 -34.64
N ARG A 145 -12.29 8.65 -34.94
CA ARG A 145 -12.79 7.32 -35.31
C ARG A 145 -12.08 6.77 -36.54
N SER A 146 -11.60 7.66 -37.42
CA SER A 146 -10.86 7.23 -38.59
C SER A 146 -9.48 6.70 -38.23
N GLN A 147 -8.91 7.16 -37.10
CA GLN A 147 -7.59 6.70 -36.68
C GLN A 147 -7.68 5.30 -36.10
N TYR A 148 -6.78 4.44 -36.52
CA TYR A 148 -6.73 3.05 -36.07
C TYR A 148 -5.59 2.86 -35.08
N VAL A 149 -5.76 1.90 -34.18
CA VAL A 149 -4.82 1.62 -33.11
C VAL A 149 -4.32 0.19 -33.26
N PRO A 150 -3.04 -0.03 -33.55
CA PRO A 150 -2.55 -1.39 -33.81
C PRO A 150 -2.57 -2.25 -32.55
N GLY A 151 -3.23 -3.40 -32.65
CA GLY A 151 -3.26 -4.33 -31.54
C GLY A 151 -4.18 -3.96 -30.41
N ILE A 152 -5.12 -3.04 -30.63
CA ILE A 152 -6.05 -2.60 -29.61
C ILE A 152 -7.47 -2.93 -30.07
N GLY A 153 -8.32 -3.31 -29.14
CA GLY A 153 -9.69 -3.68 -29.44
C GLY A 153 -10.17 -4.81 -28.57
N LEU A 154 -9.25 -5.67 -28.15
CA LEU A 154 -9.55 -6.80 -27.26
C LEU A 154 -8.48 -6.85 -26.18
N GLY A 155 -8.93 -6.92 -24.92
CA GLY A 155 -8.02 -7.06 -23.81
C GLY A 155 -8.08 -8.44 -23.20
N ILE A 156 -7.97 -9.46 -24.06
CA ILE A 156 -8.22 -10.84 -23.64
C ILE A 156 -7.35 -11.22 -22.44
N GLY A 157 -6.09 -10.79 -22.44
CA GLY A 157 -5.22 -11.06 -21.31
C GLY A 157 -4.66 -9.79 -20.70
N LYS A 158 -5.40 -8.69 -20.82
CA LYS A 158 -4.92 -7.38 -20.42
C LYS A 158 -5.58 -6.84 -19.16
N CYS A 159 -6.87 -7.13 -18.94
CA CYS A 159 -7.54 -6.76 -17.70
C CYS A 159 -8.62 -7.79 -17.41
N PRO A 160 -8.98 -7.98 -16.15
CA PRO A 160 -9.78 -9.16 -15.77
C PRO A 160 -11.22 -9.09 -16.28
N TYR A 161 -11.90 -10.23 -16.12
CA TYR A 161 -13.33 -10.31 -16.40
C TYR A 161 -14.15 -9.84 -15.20
N ASP A 162 -13.91 -10.43 -14.04
CA ASP A 162 -14.65 -10.10 -12.83
C ASP A 162 -14.08 -8.83 -12.20
N PRO A 163 -14.91 -7.86 -11.83
CA PRO A 163 -14.38 -6.65 -11.18
C PRO A 163 -13.66 -6.93 -9.88
N ALA A 164 -14.08 -7.93 -9.12
CA ALA A 164 -13.44 -8.23 -7.83
C ALA A 164 -12.09 -8.90 -7.98
N ASP A 165 -11.69 -9.27 -9.20
CA ASP A 165 -10.42 -9.95 -9.40
C ASP A 165 -9.25 -8.99 -9.20
N ASN A 166 -8.23 -9.46 -8.49
CA ASN A 166 -7.01 -8.68 -8.26
C ASN A 166 -6.08 -8.90 -9.44
N SER A 167 -5.90 -7.87 -10.26
CA SER A 167 -5.02 -7.90 -11.40
C SER A 167 -3.95 -6.82 -11.25
N THR A 168 -3.01 -6.81 -12.19
CA THR A 168 -1.97 -5.79 -12.23
C THR A 168 -1.47 -5.68 -13.66
N ALA A 169 -0.82 -4.55 -13.94
CA ALA A 169 -0.31 -4.30 -15.28
C ALA A 169 0.65 -3.12 -15.23
N VAL A 170 1.44 -2.98 -16.29
CA VAL A 170 2.32 -1.83 -16.48
C VAL A 170 2.70 -1.75 -17.95
N TYR A 171 2.60 -0.55 -18.52
CA TYR A 171 2.88 -0.34 -19.94
C TYR A 171 4.34 0.06 -20.09
N VAL A 172 5.16 -0.87 -20.58
CA VAL A 172 6.60 -0.65 -20.74
C VAL A 172 6.87 -0.18 -22.16
N GLU A 173 7.69 0.85 -22.31
CA GLU A 173 8.06 1.41 -23.60
C GLU A 173 9.39 0.88 -24.11
N ASN A 174 10.42 0.90 -23.27
CA ASN A 174 11.78 0.56 -23.67
C ASN A 174 12.19 -0.77 -23.05
N GLY A 175 13.07 -1.49 -23.76
CA GLY A 175 13.61 -2.74 -23.30
C GLY A 175 13.02 -3.98 -23.96
N ASN A 176 11.87 -3.84 -24.61
CA ASN A 176 11.22 -4.97 -25.27
C ASN A 176 12.01 -5.36 -26.52
N PRO A 177 11.73 -6.54 -27.08
CA PRO A 177 12.34 -6.91 -28.36
C PRO A 177 11.95 -5.94 -29.46
N PHE A 178 12.93 -5.56 -30.28
CA PHE A 178 12.77 -4.63 -31.39
C PHE A 178 12.38 -3.23 -30.94
N GLY A 179 12.51 -2.92 -29.64
CA GLY A 179 12.14 -1.62 -29.12
C GLY A 179 10.66 -1.30 -29.17
N LEU A 180 9.82 -2.28 -29.49
CA LEU A 180 8.38 -2.06 -29.61
C LEU A 180 7.73 -1.92 -28.24
N PRO A 181 6.56 -1.29 -28.17
CA PRO A 181 5.82 -1.22 -26.91
C PRO A 181 4.91 -2.41 -26.70
N ALA A 182 4.66 -2.72 -25.43
CA ALA A 182 3.79 -3.81 -25.06
C ALA A 182 3.30 -3.58 -23.64
N LEU A 183 2.25 -4.31 -23.27
CA LEU A 183 1.64 -4.20 -21.94
C LEU A 183 1.84 -5.52 -21.20
N TYR A 184 2.70 -5.50 -20.19
CA TYR A 184 2.81 -6.64 -19.29
C TYR A 184 1.70 -6.59 -18.25
N ALA A 185 1.07 -7.73 -18.00
CA ALA A 185 -0.05 -7.78 -17.07
C ALA A 185 -0.17 -9.18 -16.49
N GLY A 186 -1.08 -9.33 -15.53
CA GLY A 186 -1.33 -10.62 -14.92
C GLY A 186 -2.74 -10.71 -14.36
N THR A 187 -3.54 -11.63 -14.90
CA THR A 187 -4.94 -11.71 -14.48
C THR A 187 -5.51 -13.07 -14.90
N ASN A 188 -6.80 -13.08 -15.25
CA ASN A 188 -7.56 -14.34 -15.46
C ASN A 188 -7.38 -14.85 -16.89
N ALA A 189 -7.85 -14.07 -17.88
CA ALA A 189 -7.84 -14.36 -19.32
C ALA A 189 -8.84 -15.44 -19.74
N GLU A 190 -9.80 -15.77 -18.88
CA GLU A 190 -10.91 -16.65 -19.23
C GLU A 190 -12.10 -16.29 -18.37
N PHE A 191 -13.29 -16.69 -18.83
CA PHE A 191 -14.51 -16.42 -18.07
C PHE A 191 -14.45 -17.12 -16.71
N THR A 192 -14.21 -18.43 -16.72
CA THR A 192 -14.03 -19.17 -15.48
C THR A 192 -12.69 -18.83 -14.84
N LYS A 193 -12.54 -19.20 -13.58
CA LYS A 193 -11.29 -19.00 -12.85
C LYS A 193 -10.19 -19.95 -13.28
N ALA A 194 -10.41 -20.73 -14.34
CA ALA A 194 -9.46 -21.77 -14.71
C ALA A 194 -8.11 -21.19 -15.10
N ASP A 195 -8.11 -20.19 -15.98
CA ASP A 195 -6.86 -19.63 -16.48
C ASP A 195 -6.38 -18.50 -15.58
N SER A 196 -5.05 -18.40 -15.46
CA SER A 196 -4.40 -17.32 -14.73
C SER A 196 -2.99 -17.21 -15.29
N VAL A 197 -2.61 -16.02 -15.75
CA VAL A 197 -1.44 -15.91 -16.60
C VAL A 197 -0.78 -14.54 -16.41
N ILE A 198 0.55 -14.55 -16.43
CA ILE A 198 1.33 -13.34 -16.68
C ILE A 198 1.53 -13.23 -18.18
N PHE A 199 1.05 -12.15 -18.78
CA PHE A 199 0.86 -12.07 -20.22
C PHE A 199 1.50 -10.80 -20.78
N ARG A 200 2.05 -10.92 -21.98
CA ARG A 200 2.53 -9.78 -22.75
C ARG A 200 1.79 -9.72 -24.09
N SER A 201 1.37 -8.53 -24.48
CA SER A 201 0.58 -8.38 -25.70
C SER A 201 1.44 -8.62 -26.93
N ASP A 202 0.77 -8.77 -28.07
CA ASP A 202 1.47 -8.89 -29.34
C ASP A 202 2.31 -7.66 -29.61
N LEU A 203 3.52 -7.87 -30.12
CA LEU A 203 4.44 -6.78 -30.39
C LEU A 203 4.10 -6.18 -31.76
N TYR A 204 3.65 -4.93 -31.76
CA TYR A 204 3.28 -4.22 -32.98
C TYR A 204 4.14 -2.97 -33.11
N ASN A 205 4.68 -2.74 -34.32
CA ASN A 205 5.26 -1.45 -34.67
C ASN A 205 4.09 -0.52 -34.99
N LEU A 206 3.83 0.43 -34.08
CA LEU A 206 2.64 1.26 -34.18
C LEU A 206 2.65 2.22 -35.37
N THR A 207 3.80 2.39 -36.03
CA THR A 207 3.84 3.25 -37.22
C THR A 207 3.26 2.54 -38.43
N ASN A 208 3.77 1.35 -38.76
CA ASN A 208 3.32 0.62 -39.93
C ASN A 208 2.17 -0.34 -39.65
N GLY A 209 1.99 -0.75 -38.39
CA GLY A 209 0.92 -1.66 -38.03
C GLY A 209 1.20 -3.12 -38.22
N ARG A 210 2.44 -3.48 -38.57
CA ARG A 210 2.79 -4.88 -38.79
C ARG A 210 2.95 -5.62 -37.46
N LYS A 211 2.52 -6.87 -37.44
CA LYS A 211 2.73 -7.74 -36.29
C LYS A 211 4.17 -8.24 -36.34
N GLU A 212 5.01 -7.74 -35.43
CA GLU A 212 6.44 -8.03 -35.47
C GLU A 212 6.86 -9.14 -34.51
N ALA A 213 5.96 -9.58 -33.62
CA ALA A 213 6.26 -10.69 -32.71
C ALA A 213 4.98 -11.12 -32.02
N ASN A 214 4.88 -12.43 -31.77
CA ASN A 214 3.70 -12.99 -31.11
C ASN A 214 3.71 -12.64 -29.63
N PHE A 215 2.69 -13.13 -28.92
CA PHE A 215 2.51 -12.80 -27.52
C PHE A 215 3.21 -13.81 -26.62
N LYS A 216 3.50 -13.38 -25.40
CA LYS A 216 4.14 -14.21 -24.39
C LYS A 216 3.17 -14.41 -23.22
N ARG A 217 3.21 -15.61 -22.63
CA ARG A 217 2.31 -15.94 -21.55
C ARG A 217 2.84 -17.16 -20.81
N THR A 218 2.43 -17.30 -19.56
CA THR A 218 2.82 -18.47 -18.77
C THR A 218 2.16 -19.71 -19.34
N VAL A 219 2.82 -20.85 -19.10
CA VAL A 219 2.30 -22.13 -19.60
C VAL A 219 0.92 -22.37 -19.02
N LYS A 220 -0.03 -22.71 -19.89
CA LYS A 220 -1.42 -22.86 -19.48
C LYS A 220 -1.57 -24.04 -18.53
N TYR A 221 -2.34 -23.82 -17.46
CA TYR A 221 -2.73 -24.86 -16.50
C TYR A 221 -1.55 -25.46 -15.75
N ASP A 222 -0.40 -24.79 -15.77
CA ASP A 222 0.76 -25.23 -14.99
C ASP A 222 0.68 -24.55 -13.63
N SER A 223 0.12 -25.27 -12.64
CA SER A 223 -0.05 -24.71 -11.31
C SER A 223 1.28 -24.42 -10.61
N LYS A 224 2.38 -25.00 -11.11
CA LYS A 224 3.69 -24.68 -10.55
C LYS A 224 4.05 -23.22 -10.79
N LEU A 225 3.59 -22.65 -11.91
CA LEU A 225 3.85 -21.24 -12.18
C LEU A 225 2.94 -20.34 -11.37
N LEU A 226 1.63 -20.55 -11.45
CA LEU A 226 0.64 -19.77 -10.73
C LEU A 226 -0.47 -20.70 -10.26
N ASP A 227 -0.87 -20.55 -8.99
CA ASP A 227 -1.89 -21.40 -8.39
C ASP A 227 -2.90 -20.49 -7.67
N LYS A 228 -3.98 -20.15 -8.38
CA LYS A 228 -5.01 -19.26 -7.88
C LYS A 228 -4.40 -17.96 -7.33
N PRO A 229 -3.76 -17.16 -8.17
CA PRO A 229 -3.03 -15.99 -7.67
C PRO A 229 -3.94 -14.80 -7.42
N ASN A 230 -3.39 -13.85 -6.66
CA ASN A 230 -4.03 -12.56 -6.44
C ASN A 230 -2.95 -11.50 -6.49
N PHE A 231 -2.96 -10.69 -7.54
CA PHE A 231 -1.92 -9.70 -7.76
C PHE A 231 -2.19 -8.44 -6.95
N VAL A 232 -1.12 -7.70 -6.64
CA VAL A 232 -1.23 -6.50 -5.83
C VAL A 232 -0.42 -5.37 -6.44
N GLY A 233 0.40 -5.69 -7.45
CA GLY A 233 1.20 -4.68 -8.11
C GLY A 233 2.24 -5.24 -9.06
N SER A 234 2.77 -4.38 -9.92
CA SER A 234 3.77 -4.79 -10.90
C SER A 234 4.49 -3.54 -11.42
N PHE A 235 5.79 -3.65 -11.59
CA PHE A 235 6.61 -2.51 -12.02
C PHE A 235 7.71 -3.01 -12.95
N GLU A 236 8.34 -2.06 -13.64
CA GLU A 236 9.50 -2.33 -14.48
C GLU A 236 10.73 -1.73 -13.84
N ILE A 237 11.76 -2.56 -13.64
CA ILE A 237 12.99 -2.13 -12.99
C ILE A 237 14.16 -2.69 -13.78
N GLY A 238 15.05 -1.81 -14.23
CA GLY A 238 16.22 -2.26 -14.97
C GLY A 238 15.81 -2.91 -16.28
N GLU A 239 16.27 -4.14 -16.48
CA GLU A 239 15.98 -4.90 -17.69
C GLU A 239 14.93 -5.99 -17.46
N PHE A 240 14.19 -5.90 -16.35
CA PHE A 240 13.19 -6.91 -15.99
C PHE A 240 11.85 -6.24 -15.75
N VAL A 241 10.83 -7.07 -15.52
CA VAL A 241 9.52 -6.63 -15.07
C VAL A 241 9.10 -7.54 -13.93
N TYR A 242 8.80 -6.95 -12.78
CA TYR A 242 8.50 -7.71 -11.57
C TYR A 242 7.01 -7.71 -11.27
N PHE A 243 6.55 -8.81 -10.67
CA PHE A 243 5.16 -8.99 -10.31
C PHE A 243 5.07 -9.43 -8.86
N PHE A 244 4.20 -8.78 -8.09
CA PHE A 244 3.98 -9.12 -6.69
C PHE A 244 2.55 -9.64 -6.53
N PHE A 245 2.42 -10.80 -5.90
CA PHE A 245 1.12 -11.46 -5.78
C PHE A 245 1.21 -12.52 -4.69
N ARG A 246 0.03 -13.04 -4.32
CA ARG A 246 -0.09 -14.17 -3.40
C ARG A 246 -0.82 -15.30 -4.10
N GLU A 247 -0.42 -16.53 -3.79
CA GLU A 247 -1.00 -17.70 -4.42
C GLU A 247 -0.96 -18.86 -3.43
N HIS A 248 -1.54 -19.99 -3.83
CA HIS A 248 -1.47 -21.19 -3.02
C HIS A 248 -0.05 -21.74 -2.99
N ALA A 249 0.39 -22.15 -1.81
CA ALA A 249 1.77 -22.62 -1.62
C ALA A 249 1.88 -24.05 -2.14
N VAL A 250 2.45 -24.19 -3.34
CA VAL A 250 2.58 -25.52 -3.94
C VAL A 250 3.56 -26.38 -3.17
N GLU A 251 4.57 -25.78 -2.54
CA GLU A 251 5.55 -26.53 -1.78
C GLU A 251 5.10 -26.85 -0.36
N TYR A 252 4.05 -26.21 0.13
CA TYR A 252 3.51 -26.46 1.46
C TYR A 252 2.48 -27.59 1.46
N ILE A 253 2.13 -28.12 0.29
CA ILE A 253 1.03 -29.07 0.19
C ILE A 253 1.31 -30.31 1.03
N ASN A 254 2.57 -30.76 1.07
CA ASN A 254 2.91 -31.95 1.83
C ASN A 254 2.72 -31.76 3.33
N CYS A 255 2.55 -30.53 3.80
CA CYS A 255 2.33 -30.26 5.21
C CYS A 255 0.97 -29.66 5.52
N GLY A 256 0.31 -29.03 4.55
CA GLY A 256 -0.98 -28.43 4.79
C GLY A 256 -1.31 -27.45 3.68
N LYS A 257 -2.26 -26.56 3.97
CA LYS A 257 -2.68 -25.51 3.04
C LYS A 257 -2.12 -24.18 3.51
N ALA A 258 -1.54 -23.42 2.58
CA ALA A 258 -1.01 -22.11 2.89
C ALA A 258 -1.04 -21.24 1.65
N VAL A 259 -1.22 -19.94 1.85
CA VAL A 259 -1.14 -18.95 0.79
C VAL A 259 0.16 -18.18 0.98
N TYR A 260 1.08 -18.33 0.04
CA TYR A 260 2.36 -17.65 0.10
C TYR A 260 2.36 -16.41 -0.79
N SER A 261 3.21 -15.45 -0.43
CA SER A 261 3.44 -14.27 -1.26
C SER A 261 4.61 -14.52 -2.18
N ARG A 262 4.45 -14.19 -3.46
CA ARG A 262 5.46 -14.46 -4.47
C ARG A 262 5.85 -13.19 -5.20
N VAL A 263 7.08 -13.18 -5.71
CA VAL A 263 7.54 -12.17 -6.66
C VAL A 263 8.03 -12.91 -7.89
N ALA A 264 7.60 -12.46 -9.07
CA ALA A 264 7.94 -13.08 -10.33
C ALA A 264 8.75 -12.11 -11.18
N ARG A 265 9.74 -12.66 -11.91
CA ARG A 265 10.64 -11.85 -12.71
C ARG A 265 10.72 -12.41 -14.12
N VAL A 266 10.63 -11.53 -15.11
CA VAL A 266 10.78 -11.88 -16.51
C VAL A 266 11.69 -10.86 -17.17
N CYS A 267 12.42 -11.30 -18.19
CA CYS A 267 13.30 -10.40 -18.94
C CYS A 267 12.50 -9.64 -19.98
N LYS A 268 12.82 -8.35 -20.13
CA LYS A 268 12.11 -7.52 -21.10
C LYS A 268 12.36 -8.02 -22.53
N ASN A 269 13.59 -8.47 -22.81
CA ASN A 269 13.95 -8.95 -24.13
C ASN A 269 13.67 -10.44 -24.32
N ASP A 270 12.74 -11.00 -23.55
CA ASP A 270 12.38 -12.40 -23.71
C ASP A 270 11.59 -12.59 -24.99
N ARG A 271 12.08 -13.49 -25.85
CA ARG A 271 11.48 -13.72 -27.16
C ARG A 271 10.84 -15.09 -27.30
N GLY A 272 10.90 -15.93 -26.28
CA GLY A 272 10.23 -17.21 -26.30
C GLY A 272 11.17 -18.37 -26.60
N GLY A 273 10.58 -19.55 -26.61
CA GLY A 273 11.31 -20.79 -26.84
C GLY A 273 11.40 -21.16 -28.30
N LYS A 274 11.57 -22.46 -28.54
CA LYS A 274 11.77 -23.01 -29.88
C LYS A 274 10.59 -23.89 -30.27
N TYR A 275 10.52 -24.18 -31.57
CA TYR A 275 9.56 -25.14 -32.13
C TYR A 275 8.11 -24.72 -31.82
N MET A 276 7.42 -25.52 -31.00
CA MET A 276 6.01 -25.31 -30.73
C MET A 276 5.74 -24.45 -29.52
N ILE A 277 6.70 -24.32 -28.60
CA ILE A 277 6.50 -23.57 -27.36
C ILE A 277 7.11 -22.18 -27.49
N SER A 278 6.69 -21.42 -28.50
CA SER A 278 7.20 -20.08 -28.72
C SER A 278 6.43 -19.02 -27.94
N GLN A 279 5.18 -19.27 -27.58
CA GLN A 279 4.35 -18.30 -26.88
C GLN A 279 4.52 -18.36 -25.37
N ASN A 280 5.52 -19.10 -24.88
CA ASN A 280 5.76 -19.24 -23.45
C ASN A 280 7.04 -18.53 -23.05
N TRP A 281 7.10 -18.09 -21.80
CA TRP A 281 8.26 -17.34 -21.31
C TRP A 281 9.48 -18.24 -21.23
N ALA A 282 10.64 -17.68 -21.59
CA ALA A 282 11.91 -18.36 -21.46
C ALA A 282 12.71 -17.89 -20.26
N THR A 283 12.21 -16.89 -19.52
CA THR A 283 12.94 -16.34 -18.39
C THR A 283 12.05 -16.14 -17.16
N TYR A 284 10.93 -16.84 -17.05
CA TYR A 284 10.02 -16.65 -15.93
C TYR A 284 10.54 -17.38 -14.70
N LEU A 285 10.74 -16.63 -13.61
CA LEU A 285 11.14 -17.19 -12.34
C LEU A 285 10.36 -16.48 -11.23
N LYS A 286 9.95 -17.25 -10.23
CA LYS A 286 9.24 -16.69 -9.08
C LYS A 286 9.93 -17.13 -7.80
N ALA A 287 9.71 -16.35 -6.74
CA ALA A 287 10.32 -16.62 -5.45
C ALA A 287 9.36 -16.23 -4.33
N ARG A 288 9.31 -17.06 -3.29
CA ARG A 288 8.55 -16.72 -2.10
C ARG A 288 9.14 -15.50 -1.42
N MET A 289 8.27 -14.72 -0.77
CA MET A 289 8.67 -13.52 -0.06
C MET A 289 8.60 -13.76 1.45
N ASN A 290 9.66 -13.37 2.15
CA ASN A 290 9.82 -13.63 3.57
C ASN A 290 9.48 -12.36 4.35
N CYS A 291 8.42 -12.43 5.18
CA CYS A 291 8.06 -11.33 6.09
C CYS A 291 7.71 -11.99 7.43
N SER A 292 8.74 -12.27 8.20
CA SER A 292 8.60 -13.01 9.45
C SER A 292 9.29 -12.27 10.58
N ILE A 293 9.10 -12.79 11.80
CA ILE A 293 9.76 -12.27 13.00
C ILE A 293 10.92 -13.20 13.32
N SER A 294 12.11 -12.62 13.48
CA SER A 294 13.33 -13.41 13.64
C SER A 294 13.33 -14.12 14.98
N SER A 295 13.51 -15.44 14.95
CA SER A 295 13.63 -16.28 16.14
C SER A 295 14.01 -17.68 15.67
N GLU A 296 14.18 -18.59 16.63
CA GLU A 296 14.40 -19.99 16.26
C GLU A 296 13.21 -20.56 15.53
N PHE A 297 12.00 -20.10 15.86
CA PHE A 297 10.77 -20.49 15.18
C PHE A 297 10.13 -19.22 14.62
N PRO A 298 10.39 -18.88 13.35
CA PRO A 298 9.86 -17.63 12.81
C PRO A 298 8.33 -17.63 12.74
N PHE A 299 7.77 -16.43 12.67
CA PHE A 299 6.33 -16.22 12.55
C PHE A 299 6.06 -15.48 11.25
N TYR A 300 5.51 -16.19 10.27
CA TYR A 300 5.37 -15.67 8.91
C TYR A 300 4.03 -14.97 8.73
N PHE A 301 4.07 -13.79 8.12
CA PHE A 301 2.87 -13.13 7.59
C PHE A 301 2.85 -13.44 6.10
N ASN A 302 2.11 -14.48 5.72
CA ASN A 302 2.29 -15.10 4.41
C ASN A 302 1.51 -14.43 3.28
N GLU A 303 0.40 -13.76 3.58
CA GLU A 303 -0.49 -13.25 2.54
C GLU A 303 -0.25 -11.76 2.32
N ILE A 304 0.17 -11.40 1.10
CA ILE A 304 0.39 -10.00 0.75
C ILE A 304 -0.94 -9.36 0.36
N GLN A 305 -1.04 -8.05 0.57
CA GLN A 305 -2.30 -7.34 0.36
C GLN A 305 -2.15 -6.16 -0.59
N SER A 306 -0.96 -5.55 -0.62
CA SER A 306 -0.68 -4.43 -1.52
C SER A 306 0.82 -4.21 -1.52
N VAL A 307 1.27 -3.34 -2.43
CA VAL A 307 2.70 -3.05 -2.57
C VAL A 307 2.85 -1.66 -3.19
N TYR A 308 3.79 -0.88 -2.66
CA TYR A 308 4.04 0.47 -3.11
C TYR A 308 5.52 0.66 -3.41
N LYS A 309 5.80 1.48 -4.42
CA LYS A 309 7.15 1.87 -4.79
C LYS A 309 7.22 3.38 -4.92
N MET A 310 8.32 3.97 -4.47
CA MET A 310 8.50 5.40 -4.62
C MET A 310 8.83 5.74 -6.07
N PRO A 311 8.28 6.84 -6.60
CA PRO A 311 8.53 7.15 -8.02
C PRO A 311 9.98 7.41 -8.35
N THR A 312 10.73 8.03 -7.44
CA THR A 312 12.11 8.41 -7.70
C THR A 312 13.11 7.30 -7.35
N ASP A 313 12.68 6.25 -6.65
CA ASP A 313 13.57 5.18 -6.22
C ASP A 313 13.10 3.87 -6.81
N ASP A 314 13.97 3.21 -7.56
CA ASP A 314 13.70 1.90 -8.13
C ASP A 314 14.46 0.79 -7.41
N THR A 315 14.85 1.02 -6.15
CA THR A 315 15.62 0.05 -5.40
C THR A 315 14.94 -0.41 -4.12
N LYS A 316 13.77 0.15 -3.78
CA LYS A 316 13.09 -0.19 -2.54
C LYS A 316 11.62 -0.49 -2.83
N PHE A 317 11.09 -1.49 -2.12
CA PHE A 317 9.69 -1.89 -2.26
C PHE A 317 9.09 -2.12 -0.89
N TYR A 318 7.88 -1.60 -0.69
CA TYR A 318 7.17 -1.70 0.58
C TYR A 318 5.81 -2.34 0.33
N ALA A 319 5.39 -3.21 1.24
CA ALA A 319 4.19 -4.00 1.04
C ALA A 319 3.57 -4.35 2.38
N THR A 320 2.28 -4.68 2.34
CA THR A 320 1.53 -5.10 3.51
C THR A 320 1.30 -6.61 3.45
N PHE A 321 1.56 -7.29 4.55
CA PHE A 321 1.38 -8.74 4.65
C PHE A 321 0.49 -9.07 5.82
N THR A 322 -0.33 -10.10 5.66
CA THR A 322 -1.22 -10.57 6.70
C THR A 322 -1.11 -12.08 6.84
N THR A 323 -1.37 -12.57 8.04
CA THR A 323 -1.57 -14.00 8.24
C THR A 323 -2.89 -14.40 7.57
N ASN A 324 -3.17 -15.70 7.59
CA ASN A 324 -4.44 -16.17 7.05
C ASN A 324 -5.59 -15.52 7.80
N THR A 325 -6.58 -15.02 7.05
CA THR A 325 -7.66 -14.25 7.65
C THR A 325 -8.51 -15.08 8.61
N ASN A 326 -8.40 -16.41 8.57
CA ASN A 326 -9.04 -17.25 9.56
C ASN A 326 -8.12 -17.45 10.76
N GLY A 327 -8.73 -17.78 11.89
CA GLY A 327 -7.94 -17.94 13.10
C GLY A 327 -7.44 -16.61 13.62
N LEU A 328 -6.39 -16.69 14.43
CA LEU A 328 -5.79 -15.48 15.00
C LEU A 328 -5.17 -14.64 13.91
N ILE A 329 -5.49 -13.35 13.90
CA ILE A 329 -5.19 -12.45 12.80
C ILE A 329 -4.07 -11.51 13.19
N GLY A 330 -3.13 -11.30 12.27
CA GLY A 330 -2.08 -10.31 12.46
C GLY A 330 -1.55 -9.80 11.13
N SER A 331 -1.30 -8.50 11.05
CA SER A 331 -0.73 -7.88 9.86
C SER A 331 0.66 -7.34 10.15
N ALA A 332 1.40 -7.04 9.10
CA ALA A 332 2.76 -6.54 9.23
C ALA A 332 3.18 -5.84 7.95
N VAL A 333 4.13 -4.93 8.09
CA VAL A 333 4.71 -4.20 6.95
C VAL A 333 6.18 -4.55 6.87
N CYS A 334 6.62 -5.01 5.69
CA CYS A 334 8.01 -5.36 5.46
C CYS A 334 8.57 -4.50 4.33
N SER A 335 9.88 -4.30 4.35
CA SER A 335 10.59 -3.55 3.32
C SER A 335 11.65 -4.43 2.69
N TYR A 336 11.83 -4.27 1.37
CA TYR A 336 12.75 -5.10 0.61
C TYR A 336 13.57 -4.26 -0.34
N ASP A 337 14.84 -4.63 -0.50
CA ASP A 337 15.76 -3.99 -1.42
C ASP A 337 15.80 -4.77 -2.73
N ILE A 338 16.09 -4.06 -3.83
CA ILE A 338 16.15 -4.70 -5.14
C ILE A 338 17.28 -5.72 -5.18
N ARG A 339 18.38 -5.46 -4.46
CA ARG A 339 19.50 -6.39 -4.44
C ARG A 339 19.11 -7.70 -3.77
N ASP A 340 18.22 -7.66 -2.78
CA ASP A 340 17.77 -8.88 -2.13
C ASP A 340 16.81 -9.66 -3.02
N ILE A 341 16.00 -8.96 -3.82
CA ILE A 341 15.12 -9.65 -4.76
C ILE A 341 15.94 -10.35 -5.84
N ASN A 342 16.89 -9.64 -6.44
CA ASN A 342 17.75 -10.23 -7.45
C ASN A 342 18.59 -11.37 -6.86
N ALA A 343 18.97 -11.26 -5.59
CA ALA A 343 19.78 -12.31 -4.97
C ALA A 343 19.03 -13.64 -4.95
N ALA A 344 17.72 -13.61 -4.73
CA ALA A 344 16.94 -14.83 -4.75
C ALA A 344 16.87 -15.42 -6.16
N PHE A 345 16.69 -14.56 -7.16
CA PHE A 345 16.66 -15.05 -8.54
C PHE A 345 18.05 -15.44 -9.04
N ASP A 346 19.10 -15.04 -8.34
CA ASP A 346 20.46 -15.44 -8.68
C ASP A 346 20.96 -16.61 -7.84
N GLY A 347 20.11 -17.18 -6.98
CA GLY A 347 20.50 -18.26 -6.11
C GLY A 347 20.17 -19.62 -6.68
N LYS A 348 20.08 -20.61 -5.78
CA LYS A 348 19.78 -21.97 -6.18
C LYS A 348 18.33 -22.10 -6.63
N PHE A 349 18.00 -23.26 -7.20
CA PHE A 349 16.67 -23.55 -7.71
C PHE A 349 16.01 -24.62 -6.86
N LYS A 350 14.75 -24.39 -6.52
CA LYS A 350 13.95 -25.44 -5.88
C LYS A 350 13.56 -26.49 -6.92
N GLU A 351 13.26 -27.69 -6.43
CA GLU A 351 12.95 -28.79 -7.33
C GLU A 351 12.14 -29.86 -6.60
N GLN A 352 11.16 -30.42 -7.31
CA GLN A 352 10.43 -31.60 -6.87
C GLN A 352 10.66 -32.67 -7.92
N ALA A 353 11.48 -33.67 -7.60
CA ALA A 353 11.91 -34.66 -8.59
C ALA A 353 10.71 -35.37 -9.21
N THR A 354 9.88 -35.98 -8.40
CA THR A 354 8.66 -36.64 -8.85
C THR A 354 7.46 -36.00 -8.18
N SER A 355 6.26 -36.48 -8.54
CA SER A 355 5.05 -36.03 -7.87
C SER A 355 4.98 -36.49 -6.43
N ASN A 356 5.91 -37.34 -5.98
CA ASN A 356 5.97 -37.81 -4.61
C ASN A 356 7.29 -37.47 -3.93
N SER A 357 8.11 -36.65 -4.55
CA SER A 357 9.38 -36.25 -3.96
C SER A 357 9.20 -35.01 -3.08
N ALA A 358 10.21 -34.73 -2.27
CA ALA A 358 10.22 -33.53 -1.45
C ALA A 358 10.92 -32.39 -2.19
N TRP A 359 10.58 -31.16 -1.79
CA TRP A 359 11.15 -29.98 -2.43
C TRP A 359 12.55 -29.75 -1.88
N LEU A 360 13.55 -29.98 -2.72
CA LEU A 360 14.95 -29.86 -2.36
C LEU A 360 15.66 -28.90 -3.31
N PRO A 361 16.77 -28.30 -2.88
CA PRO A 361 17.53 -27.41 -3.75
C PRO A 361 18.30 -28.18 -4.81
N VAL A 362 18.77 -27.44 -5.81
CA VAL A 362 19.55 -27.99 -6.92
C VAL A 362 20.99 -27.55 -6.75
N LEU A 363 21.92 -28.51 -6.82
CA LEU A 363 23.34 -28.19 -6.79
C LEU A 363 23.72 -27.35 -8.00
N ASN A 364 24.64 -26.42 -7.79
CA ASN A 364 25.07 -25.53 -8.87
C ASN A 364 25.70 -26.29 -10.02
N SER A 365 26.22 -27.50 -9.78
CA SER A 365 26.84 -28.28 -10.83
C SER A 365 25.83 -28.76 -11.87
N LYS A 366 24.55 -28.85 -11.52
CA LYS A 366 23.53 -29.31 -12.45
C LYS A 366 22.88 -28.18 -13.24
N VAL A 367 23.11 -26.92 -12.85
CA VAL A 367 22.48 -25.80 -13.55
C VAL A 367 23.11 -25.66 -14.93
N PRO A 368 22.34 -25.64 -16.01
CA PRO A 368 22.90 -25.45 -17.35
C PRO A 368 23.25 -23.99 -17.60
N GLU A 369 24.21 -23.79 -18.51
CA GLU A 369 24.59 -22.45 -18.91
C GLU A 369 24.14 -22.19 -20.35
N PRO A 370 23.68 -20.97 -20.68
CA PRO A 370 23.54 -19.80 -19.80
C PRO A 370 22.52 -20.02 -18.68
N ARG A 371 22.70 -19.32 -17.57
CA ARG A 371 21.84 -19.52 -16.42
C ARG A 371 20.40 -19.20 -16.78
N PRO A 372 19.45 -20.11 -16.54
CA PRO A 372 18.04 -19.80 -16.81
C PRO A 372 17.57 -18.61 -15.99
N GLY A 373 16.78 -17.75 -16.62
CA GLY A 373 16.32 -16.53 -16.02
C GLY A 373 17.12 -15.30 -16.43
N THR A 374 18.40 -15.49 -16.76
CA THR A 374 19.21 -14.37 -17.22
C THR A 374 18.73 -13.92 -18.61
N CYS A 375 18.81 -12.62 -18.85
CA CYS A 375 18.32 -12.08 -20.11
C CYS A 375 19.28 -12.42 -21.25
N HIS A 376 18.72 -12.54 -22.45
CA HIS A 376 19.51 -12.88 -23.63
C HIS A 376 18.72 -12.47 -24.86
N ASN A 377 19.33 -11.64 -25.70
CA ASN A 377 18.76 -11.32 -26.99
C ASN A 377 18.52 -12.60 -27.79
N ASP A 378 17.29 -12.74 -28.32
CA ASP A 378 16.87 -13.94 -29.01
C ASP A 378 16.96 -15.15 -28.08
N THR A 379 15.93 -15.36 -27.27
CA THR A 379 15.92 -16.47 -26.30
C THR A 379 15.75 -17.82 -26.96
N ALA A 380 15.39 -17.88 -28.25
CA ALA A 380 15.30 -19.15 -28.95
C ALA A 380 16.66 -19.78 -29.19
N THR A 381 17.75 -19.02 -29.03
CA THR A 381 19.09 -19.56 -29.23
C THR A 381 19.53 -20.46 -28.07
N LEU A 382 18.93 -20.31 -26.89
CA LEU A 382 19.35 -21.05 -25.72
C LEU A 382 19.20 -22.56 -25.97
N PRO A 383 20.08 -23.37 -25.37
CA PRO A 383 19.98 -24.82 -25.57
C PRO A 383 18.68 -25.38 -25.01
N ASP A 384 18.34 -26.58 -25.48
CA ASP A 384 17.18 -27.27 -24.94
C ASP A 384 17.34 -27.56 -23.45
N SER A 385 18.59 -27.67 -22.98
CA SER A 385 18.83 -27.87 -21.55
C SER A 385 18.33 -26.67 -20.75
N VAL A 386 18.73 -25.47 -21.15
CA VAL A 386 18.34 -24.27 -20.41
C VAL A 386 16.83 -24.09 -20.45
N LEU A 387 16.23 -24.26 -21.63
CA LEU A 387 14.79 -24.09 -21.78
C LEU A 387 14.03 -25.06 -20.88
N ASN A 388 14.23 -26.36 -21.11
CA ASN A 388 13.51 -27.36 -20.33
C ASN A 388 13.82 -27.29 -18.84
N PHE A 389 14.98 -26.75 -18.48
CA PHE A 389 15.28 -26.57 -17.06
C PHE A 389 14.35 -25.54 -16.44
N ILE A 390 14.25 -24.35 -17.04
CA ILE A 390 13.40 -23.30 -16.50
C ILE A 390 11.92 -23.62 -16.71
N ARG A 391 11.60 -24.56 -17.60
CA ARG A 391 10.21 -24.98 -17.75
C ARG A 391 9.71 -25.69 -16.50
N LYS A 392 10.58 -26.45 -15.85
CA LYS A 392 10.21 -27.23 -14.68
C LYS A 392 10.86 -26.71 -13.39
N HIS A 393 11.54 -25.57 -13.45
CA HIS A 393 12.14 -24.94 -12.27
C HIS A 393 11.80 -23.46 -12.25
N PRO A 394 10.54 -23.11 -11.97
CA PRO A 394 10.16 -21.70 -11.92
C PRO A 394 10.39 -21.07 -10.54
N LEU A 395 10.36 -21.90 -9.51
CA LEU A 395 10.42 -21.44 -8.13
C LEU A 395 11.86 -21.50 -7.62
N MET A 396 12.37 -20.35 -7.19
CA MET A 396 13.69 -20.29 -6.60
C MET A 396 13.66 -20.84 -5.17
N ASP A 397 14.76 -21.46 -4.77
CA ASP A 397 14.83 -22.04 -3.43
C ASP A 397 14.84 -20.97 -2.35
N LYS A 398 15.62 -19.91 -2.56
CA LYS A 398 15.73 -18.84 -1.58
C LYS A 398 14.44 -18.02 -1.53
N ALA A 399 14.05 -17.62 -0.32
CA ALA A 399 12.97 -16.67 -0.12
C ALA A 399 13.55 -15.27 0.00
N VAL A 400 12.86 -14.30 -0.59
CA VAL A 400 13.37 -12.93 -0.63
C VAL A 400 13.50 -12.40 0.79
N ASP A 401 14.70 -11.97 1.17
CA ASP A 401 14.96 -11.50 2.52
C ASP A 401 14.41 -10.10 2.72
N HIS A 402 13.73 -9.89 3.84
CA HIS A 402 13.27 -8.57 4.23
C HIS A 402 14.36 -7.86 5.02
N GLU A 403 14.46 -6.54 4.81
CA GLU A 403 15.52 -5.77 5.43
C GLU A 403 15.45 -5.86 6.96
N PHE A 404 16.62 -5.99 7.59
CA PHE A 404 16.83 -6.06 9.03
C PHE A 404 16.24 -7.32 9.66
N GLY A 405 15.69 -8.23 8.88
CA GLY A 405 15.23 -9.50 9.41
C GLY A 405 13.96 -9.46 10.23
N ASN A 406 13.28 -8.32 10.29
CA ASN A 406 12.04 -8.18 11.04
C ASN A 406 11.15 -7.18 10.32
N PRO A 407 9.84 -7.21 10.58
CA PRO A 407 8.96 -6.21 9.97
C PRO A 407 9.27 -4.82 10.47
N VAL A 408 8.80 -3.82 9.72
CA VAL A 408 8.93 -2.43 10.15
C VAL A 408 7.91 -2.12 11.24
N PHE A 409 6.79 -2.81 11.24
CA PHE A 409 5.69 -2.59 12.18
C PHE A 409 4.71 -3.75 12.02
N PHE A 410 4.07 -4.12 13.12
CA PHE A 410 3.04 -5.15 13.04
C PHE A 410 2.06 -4.96 14.21
N LYS A 411 0.83 -5.43 13.99
CA LYS A 411 -0.26 -5.20 14.92
C LYS A 411 -1.21 -6.39 14.86
N ARG A 412 -1.78 -6.74 16.02
CA ARG A 412 -2.66 -7.89 16.13
C ARG A 412 -4.10 -7.50 15.85
N ASP A 413 -4.85 -8.46 15.30
CA ASP A 413 -6.29 -8.31 15.03
C ASP A 413 -6.59 -7.10 14.15
N VAL A 414 -5.68 -6.79 13.22
CA VAL A 414 -5.86 -5.71 12.26
C VAL A 414 -5.49 -6.25 10.88
N ILE A 415 -6.35 -6.00 9.89
CA ILE A 415 -6.08 -6.35 8.51
C ILE A 415 -5.67 -5.09 7.77
N LEU A 416 -4.45 -5.08 7.24
CA LEU A 416 -3.93 -3.94 6.51
C LEU A 416 -3.99 -4.20 5.01
N THR A 417 -4.33 -3.17 4.24
CA THR A 417 -4.51 -3.32 2.80
C THR A 417 -3.54 -2.37 2.11
N LYS A 418 -4.02 -1.39 1.36
CA LYS A 418 -3.15 -0.55 0.55
C LYS A 418 -2.22 0.28 1.44
N LEU A 419 -1.16 0.80 0.84
CA LEU A 419 -0.17 1.56 1.59
C LEU A 419 0.56 2.51 0.66
N VAL A 420 1.08 3.59 1.25
CA VAL A 420 1.91 4.57 0.56
C VAL A 420 2.97 5.07 1.55
N VAL A 421 4.18 5.30 1.04
CA VAL A 421 5.33 5.62 1.88
C VAL A 421 5.97 6.92 1.40
N ASP A 422 6.32 7.79 2.35
CA ASP A 422 6.99 9.05 2.09
C ASP A 422 8.35 9.05 2.76
N LYS A 423 9.22 9.97 2.31
CA LYS A 423 10.60 10.06 2.78
C LYS A 423 10.89 11.51 3.17
N ILE A 424 11.38 11.70 4.39
CA ILE A 424 11.68 13.02 4.93
C ILE A 424 13.15 13.04 5.36
N ARG A 425 13.80 14.19 5.17
CA ARG A 425 15.20 14.33 5.56
C ARG A 425 15.46 15.76 6.01
N ILE A 426 15.82 15.92 7.28
CA ILE A 426 16.26 17.19 7.84
C ILE A 426 17.78 17.14 7.83
N ASP A 427 18.40 17.90 6.92
CA ASP A 427 19.83 17.74 6.68
C ASP A 427 20.68 18.32 7.80
N LYS A 428 20.29 19.48 8.34
CA LYS A 428 21.13 20.15 9.32
C LYS A 428 21.21 19.39 10.64
N LEU A 429 20.28 18.49 10.91
CA LEU A 429 20.36 17.61 12.07
C LEU A 429 20.72 16.18 11.69
N ASN A 430 20.86 15.88 10.40
CA ASN A 430 21.20 14.55 9.90
C ASN A 430 20.20 13.51 10.39
N GLN A 431 18.96 13.67 9.91
CA GLN A 431 17.86 12.78 10.27
C GLN A 431 17.07 12.44 9.02
N GLU A 432 16.85 11.15 8.79
CA GLU A 432 16.05 10.66 7.67
C GLU A 432 14.94 9.77 8.21
N PHE A 433 13.70 10.08 7.83
CA PHE A 433 12.54 9.36 8.30
C PHE A 433 11.75 8.77 7.14
N LEU A 434 11.01 7.72 7.43
CA LEU A 434 10.07 7.10 6.49
C LEU A 434 8.71 7.02 7.18
N VAL A 435 7.70 7.60 6.54
CA VAL A 435 6.35 7.66 7.10
C VAL A 435 5.45 6.76 6.26
N TYR A 436 4.89 5.74 6.89
CA TYR A 436 4.02 4.77 6.24
C TYR A 436 2.56 5.15 6.50
N PHE A 437 1.77 5.17 5.43
CA PHE A 437 0.34 5.46 5.51
C PHE A 437 -0.40 4.21 5.08
N VAL A 438 -0.71 3.34 6.05
CA VAL A 438 -1.27 2.03 5.78
C VAL A 438 -2.76 2.04 6.07
N ALA A 439 -3.55 1.58 5.11
CA ALA A 439 -4.98 1.47 5.29
C ALA A 439 -5.33 0.22 6.09
N THR A 440 -6.46 0.27 6.78
CA THR A 440 -7.02 -0.88 7.47
C THR A 440 -8.37 -1.23 6.87
N THR A 441 -8.80 -2.47 7.07
CA THR A 441 -10.11 -2.87 6.59
C THR A 441 -11.24 -2.15 7.30
N SER A 442 -10.98 -1.59 8.48
CA SER A 442 -11.96 -0.77 9.19
C SER A 442 -12.02 0.65 8.67
N GLY A 443 -11.28 0.97 7.61
CA GLY A 443 -11.32 2.29 7.01
C GLY A 443 -10.35 3.30 7.56
N HIS A 444 -9.49 2.90 8.50
CA HIS A 444 -8.54 3.82 9.11
C HIS A 444 -7.20 3.79 8.38
N ILE A 445 -6.46 4.89 8.50
CA ILE A 445 -5.11 5.00 7.98
C ILE A 445 -4.17 5.08 9.17
N TYR A 446 -3.20 4.18 9.23
CA TYR A 446 -2.18 4.23 10.27
C TYR A 446 -1.02 5.11 9.80
N LYS A 447 -0.62 6.05 10.66
CA LYS A 447 0.48 6.95 10.37
C LYS A 447 1.69 6.46 11.18
N ILE A 448 2.58 5.73 10.50
CA ILE A 448 3.67 5.03 11.16
C ILE A 448 4.99 5.64 10.69
N VAL A 449 5.88 5.93 11.65
CA VAL A 449 7.17 6.52 11.36
C VAL A 449 8.26 5.49 11.64
N GLN A 450 9.34 5.58 10.87
CA GLN A 450 10.50 4.71 11.02
C GLN A 450 11.75 5.54 11.25
N PHE A 451 12.58 5.12 12.21
CA PHE A 451 13.77 5.86 12.56
C PHE A 451 14.85 4.90 13.03
N MET A 452 16.05 5.43 13.22
CA MET A 452 17.20 4.67 13.68
C MET A 452 17.56 5.12 15.09
N HIS A 453 17.48 4.19 16.05
CA HIS A 453 17.77 4.46 17.46
C HIS A 453 18.95 3.58 17.87
N TYR A 454 20.13 4.19 17.98
CA TYR A 454 21.36 3.50 18.37
C TYR A 454 21.68 2.35 17.42
N GLY A 455 21.82 2.70 16.15
CA GLY A 455 22.25 1.74 15.13
C GLY A 455 21.21 0.72 14.71
N GLN A 456 20.05 0.67 15.35
CA GLN A 456 19.01 -0.27 15.01
C GLN A 456 17.75 0.47 14.57
N ARG A 457 16.85 -0.25 13.92
CA ARG A 457 15.64 0.32 13.33
C ARG A 457 14.45 0.02 14.22
N HIS A 458 13.73 1.06 14.63
CA HIS A 458 12.50 0.94 15.40
C HIS A 458 11.40 1.74 14.69
N SER A 459 10.20 1.68 15.25
CA SER A 459 9.07 2.41 14.69
C SER A 459 8.11 2.79 15.82
N ASN A 460 7.17 3.68 15.50
CA ASN A 460 6.15 4.10 16.45
C ASN A 460 4.96 4.64 15.68
N LEU A 461 3.78 4.09 15.98
CA LEU A 461 2.55 4.54 15.33
C LEU A 461 2.20 5.93 15.82
N VAL A 462 2.27 6.92 14.92
CA VAL A 462 2.11 8.32 15.32
C VAL A 462 0.64 8.67 15.47
N ASP A 463 -0.18 8.38 14.46
CA ASP A 463 -1.57 8.79 14.50
C ASP A 463 -2.44 7.75 13.79
N ILE A 464 -3.73 7.79 14.11
CA ILE A 464 -4.75 6.97 13.46
C ILE A 464 -5.94 7.88 13.17
N PHE A 465 -6.24 8.07 11.88
CA PHE A 465 -7.36 8.91 11.48
C PHE A 465 -8.27 8.14 10.52
N GLU A 466 -9.57 8.26 10.74
CA GLU A 466 -10.56 7.57 9.93
C GLU A 466 -10.65 8.21 8.55
N ALA A 467 -10.37 7.43 7.50
CA ALA A 467 -10.44 7.92 6.13
C ALA A 467 -11.68 7.43 5.41
N SER A 468 -12.53 6.62 6.06
CA SER A 468 -13.74 6.08 5.47
C SER A 468 -14.57 5.40 6.55
N PRO A 469 -15.90 5.39 6.43
CA PRO A 469 -16.71 4.64 7.38
C PRO A 469 -16.33 3.16 7.40
N HIS A 470 -16.72 2.49 8.48
CA HIS A 470 -16.29 1.11 8.71
C HIS A 470 -16.76 0.19 7.59
N SER A 471 -17.98 0.39 7.10
CA SER A 471 -18.57 -0.49 6.10
C SER A 471 -18.13 -0.16 4.68
N GLU A 472 -17.23 0.80 4.50
CA GLU A 472 -16.74 1.18 3.17
C GLU A 472 -15.25 0.92 3.08
N PRO A 473 -14.83 -0.17 2.44
CA PRO A 473 -13.39 -0.48 2.38
C PRO A 473 -12.64 0.49 1.49
N ILE A 474 -11.32 0.48 1.65
CA ILE A 474 -10.42 1.32 0.88
C ILE A 474 -9.89 0.48 -0.29
N ARG A 475 -10.25 0.87 -1.51
CA ARG A 475 -9.93 0.08 -2.69
C ARG A 475 -8.57 0.41 -3.29
N GLU A 476 -8.11 1.65 -3.17
CA GLU A 476 -6.85 2.05 -3.77
C GLU A 476 -6.33 3.28 -3.05
N MET A 477 -5.01 3.46 -3.06
CA MET A 477 -4.39 4.59 -2.37
C MET A 477 -3.07 4.93 -3.06
N THR A 478 -2.85 6.22 -3.29
CA THR A 478 -1.61 6.70 -3.89
C THR A 478 -1.16 7.95 -3.16
N LEU A 479 0.05 8.41 -3.48
CA LEU A 479 0.68 9.53 -2.78
C LEU A 479 1.33 10.47 -3.78
N SER A 480 1.19 11.77 -3.53
CA SER A 480 1.74 12.82 -4.38
C SER A 480 2.76 13.62 -3.58
N HIS A 481 4.04 13.44 -3.88
CA HIS A 481 5.09 14.17 -3.17
C HIS A 481 5.04 15.66 -3.47
N LYS A 482 4.63 16.03 -4.69
CA LYS A 482 4.58 17.44 -5.07
C LYS A 482 3.56 18.20 -4.23
N THR A 483 2.31 17.74 -4.24
CA THR A 483 1.27 18.39 -3.46
C THR A 483 1.28 17.98 -1.99
N GLY A 484 2.10 17.01 -1.61
CA GLY A 484 2.16 16.57 -0.23
C GLY A 484 0.83 16.10 0.32
N SER A 485 0.05 15.38 -0.48
CA SER A 485 -1.27 14.94 -0.09
C SER A 485 -1.43 13.44 -0.33
N LEU A 486 -2.29 12.83 0.47
CA LEU A 486 -2.63 11.42 0.36
C LEU A 486 -3.97 11.28 -0.34
N TYR A 487 -4.10 10.22 -1.14
CA TYR A 487 -5.29 10.01 -1.95
C TYR A 487 -5.82 8.60 -1.72
N VAL A 488 -7.07 8.51 -1.26
CA VAL A 488 -7.71 7.24 -0.95
C VAL A 488 -9.01 7.15 -1.75
N ALA A 489 -9.24 6.00 -2.37
CA ALA A 489 -10.46 5.75 -3.15
C ALA A 489 -11.28 4.65 -2.51
N THR A 490 -12.59 4.86 -2.42
CA THR A 490 -13.53 3.89 -1.91
C THR A 490 -14.58 3.60 -2.98
N ASP A 491 -15.61 2.85 -2.59
CA ASP A 491 -16.69 2.52 -3.53
C ASP A 491 -17.61 3.71 -3.76
N HIS A 492 -17.72 4.61 -2.79
CA HIS A 492 -18.68 5.71 -2.85
C HIS A 492 -18.07 7.04 -3.24
N GLN A 493 -16.83 7.34 -2.83
CA GLN A 493 -16.25 8.65 -3.07
C GLN A 493 -14.73 8.52 -3.17
N VAL A 494 -14.07 9.66 -3.36
CA VAL A 494 -12.62 9.76 -3.41
C VAL A 494 -12.22 10.96 -2.54
N LYS A 495 -11.35 10.72 -1.57
CA LYS A 495 -10.98 11.73 -0.57
C LYS A 495 -9.51 12.11 -0.71
N GLN A 496 -9.23 13.39 -0.59
CA GLN A 496 -7.87 13.92 -0.58
C GLN A 496 -7.52 14.35 0.83
N ILE A 497 -6.38 13.86 1.33
CA ILE A 497 -5.97 14.08 2.71
C ILE A 497 -4.51 14.55 2.72
N ASP A 498 -4.24 15.66 3.38
CA ASP A 498 -2.87 16.12 3.54
C ASP A 498 -2.10 15.18 4.47
N ILE A 499 -0.82 14.98 4.16
CA ILE A 499 0.03 14.11 4.98
C ILE A 499 0.55 14.79 6.23
N ALA A 500 0.16 16.03 6.48
CA ALA A 500 0.62 16.77 7.65
C ALA A 500 -0.42 17.81 8.02
N MET A 501 -1.00 17.67 9.21
CA MET A 501 -1.98 18.62 9.74
C MET A 501 -1.55 19.07 11.13
N CYS A 502 -0.36 19.67 11.22
CA CYS A 502 0.24 19.97 12.51
C CYS A 502 -0.64 20.92 13.32
N ALA A 503 -1.03 22.05 12.73
CA ALA A 503 -1.80 23.05 13.48
C ALA A 503 -3.24 22.62 13.69
N ARG A 504 -3.85 22.00 12.68
CA ARG A 504 -5.26 21.64 12.76
C ARG A 504 -5.52 20.40 13.62
N ARG A 505 -4.50 19.56 13.83
CA ARG A 505 -4.65 18.33 14.60
C ARG A 505 -4.02 18.42 15.98
N TYR A 506 -2.76 18.82 16.07
CA TYR A 506 -2.04 18.84 17.33
C TYR A 506 -2.18 20.21 18.00
N ASP A 507 -2.84 20.25 19.15
CA ASP A 507 -2.85 21.43 20.00
C ASP A 507 -2.05 21.21 21.27
N SER A 508 -1.30 20.12 21.34
CA SER A 508 -0.51 19.77 22.52
C SER A 508 0.94 19.52 22.10
N CYS A 509 1.87 19.90 22.97
CA CYS A 509 3.28 19.63 22.71
C CYS A 509 3.55 18.14 22.74
N PHE A 510 2.83 17.39 23.58
CA PHE A 510 3.04 15.96 23.70
C PHE A 510 2.83 15.26 22.36
N ARG A 511 1.78 15.64 21.63
CA ARG A 511 1.47 15.00 20.37
C ARG A 511 2.21 15.63 19.19
N CYS A 512 2.65 16.88 19.32
CA CYS A 512 3.28 17.58 18.21
C CYS A 512 4.71 17.10 17.98
N VAL A 513 5.47 16.87 19.06
CA VAL A 513 6.88 16.53 18.92
C VAL A 513 7.12 15.10 18.47
N SER A 514 6.08 14.29 18.34
CA SER A 514 6.21 12.91 17.90
C SER A 514 6.05 12.74 16.39
N ASP A 515 5.51 13.75 15.70
CA ASP A 515 5.29 13.67 14.27
C ASP A 515 6.48 14.28 13.54
N PRO A 516 7.17 13.55 12.66
CA PRO A 516 8.32 14.13 11.95
C PRO A 516 7.95 15.28 11.03
N TYR A 517 6.68 15.40 10.63
CA TYR A 517 6.26 16.53 9.82
C TYR A 517 6.15 17.81 10.63
N CYS A 518 6.13 17.73 11.96
CA CYS A 518 5.71 18.83 12.80
C CYS A 518 6.78 19.21 13.81
N GLY A 519 6.64 20.42 14.34
CA GLY A 519 7.47 20.88 15.44
C GLY A 519 6.67 21.86 16.28
N TRP A 520 6.94 21.84 17.58
CA TRP A 520 6.20 22.66 18.53
C TRP A 520 6.95 23.97 18.77
N ASP A 521 6.30 25.08 18.47
CA ASP A 521 6.84 26.41 18.74
C ASP A 521 6.33 26.88 20.09
N LYS A 522 7.24 27.05 21.05
CA LYS A 522 6.88 27.48 22.38
C LYS A 522 6.54 28.96 22.47
N ASP A 523 6.89 29.75 21.46
CA ASP A 523 6.66 31.19 21.50
C ASP A 523 5.27 31.57 21.01
N VAL A 524 4.69 30.81 20.08
CA VAL A 524 3.31 31.05 19.64
C VAL A 524 2.32 30.09 20.29
N ASN A 525 2.80 29.05 20.99
CA ASN A 525 1.95 28.08 21.68
C ASN A 525 1.00 27.38 20.72
N ALA A 526 1.59 26.74 19.71
CA ALA A 526 0.82 26.01 18.71
C ALA A 526 1.76 25.12 17.91
N CYS A 527 1.22 24.00 17.44
CA CYS A 527 1.97 23.11 16.57
C CYS A 527 1.90 23.60 15.13
N ARG A 528 2.98 23.38 14.39
CA ARG A 528 3.05 23.85 13.00
C ARG A 528 4.20 23.17 12.27
N PRO A 529 4.30 23.27 10.94
CA PRO A 529 5.34 22.53 10.20
C PRO A 529 6.73 22.77 10.78
N TYR A 530 7.57 21.76 10.65
CA TYR A 530 8.88 21.79 11.30
C TYR A 530 9.82 22.77 10.62
N GLN A 531 10.45 23.62 11.42
CA GLN A 531 11.62 24.38 11.01
C GLN A 531 12.71 24.12 12.04
N LEU A 532 13.96 24.41 11.66
CA LEU A 532 15.06 24.19 12.58
C LEU A 532 14.92 25.08 13.81
N GLY A 533 15.17 24.49 14.99
CA GLY A 533 15.03 25.17 16.25
C GLY A 533 13.77 24.79 17.01
N LEU A 534 12.72 24.39 16.30
CA LEU A 534 11.50 23.96 16.97
C LEU A 534 11.71 22.62 17.66
N LEU A 535 10.77 22.28 18.54
CA LEU A 535 10.87 21.07 19.34
C LEU A 535 10.37 19.85 18.57
N GLN A 536 11.13 18.76 18.66
CA GLN A 536 10.75 17.50 18.04
C GLN A 536 11.61 16.39 18.62
N ASP A 537 10.99 15.24 18.89
CA ASP A 537 11.70 14.05 19.34
C ASP A 537 10.87 12.84 18.90
N VAL A 538 11.09 12.40 17.67
CA VAL A 538 10.33 11.30 17.12
C VAL A 538 10.80 9.96 17.71
N ALA A 539 12.10 9.82 17.93
CA ALA A 539 12.66 8.57 18.44
C ALA A 539 12.57 8.44 19.96
N ASN A 540 12.04 9.45 20.65
CA ASN A 540 11.95 9.45 22.11
C ASN A 540 13.34 9.29 22.74
N GLU A 541 14.35 9.90 22.11
CA GLU A 541 15.70 9.85 22.64
C GLU A 541 15.96 10.94 23.66
N THR A 542 15.05 11.91 23.81
CA THR A 542 15.16 13.01 24.78
C THR A 542 13.79 13.19 25.43
N SER A 543 13.46 12.32 26.37
CA SER A 543 12.19 12.41 27.07
C SER A 543 12.17 13.62 27.99
N GLY A 544 10.99 14.21 28.15
CA GLY A 544 10.83 15.41 28.94
C GLY A 544 11.11 16.70 28.21
N ILE A 545 11.06 16.69 26.87
CA ILE A 545 11.36 17.90 26.11
C ILE A 545 10.24 18.92 26.26
N CYS A 546 9.00 18.47 26.35
CA CYS A 546 7.85 19.35 26.50
C CYS A 546 7.59 19.76 27.94
N ASP A 547 8.50 19.44 28.87
CA ASP A 547 8.25 19.73 30.29
C ASP A 547 7.98 21.20 30.54
N THR A 548 8.47 22.08 29.68
CA THR A 548 8.24 23.51 29.84
C THR A 548 7.04 24.01 29.04
N SER A 549 6.59 23.25 28.03
CA SER A 549 5.43 23.61 27.24
C SER A 549 4.16 22.88 27.69
N VAL A 550 4.21 22.23 28.86
CA VAL A 550 3.07 21.48 29.36
C VAL A 550 1.95 22.44 29.74
N LEU A 551 0.71 22.05 29.44
CA LEU A 551 -0.46 22.81 29.86
C LEU A 551 -0.65 22.65 31.37
N ARG A 552 -0.39 23.71 32.13
CA ARG A 552 -0.65 23.73 33.56
C ARG A 552 -1.71 24.78 33.85
N LYS A 553 -2.84 24.34 34.41
CA LYS A 553 -3.99 25.20 34.64
C LYS A 553 -4.34 25.15 36.13
N LYS A 554 -3.76 26.06 36.90
CA LYS A 554 -4.10 26.17 38.32
C LYS A 554 -5.54 26.64 38.47
N VAL A 555 -6.27 26.00 39.38
CA VAL A 555 -7.68 26.31 39.59
C VAL A 555 -8.04 26.06 41.05
N THR A 556 -8.62 27.06 41.69
CA THR A 556 -9.14 26.94 43.05
C THR A 556 -10.65 26.92 43.00
N SER A 557 -11.26 25.95 43.68
CA SER A 557 -12.71 25.77 43.67
C SER A 557 -13.23 25.78 45.10
N SER A 558 -14.55 25.73 45.22
CA SER A 558 -15.20 25.80 46.52
C SER A 558 -15.04 24.48 47.27
N TYR A 559 -15.43 24.50 48.55
CA TYR A 559 -15.32 23.33 49.40
C TYR A 559 -16.46 22.36 49.11
N GLY A 560 -16.14 21.07 49.16
CA GLY A 560 -17.17 20.05 49.02
C GLY A 560 -17.49 19.64 47.60
N GLN A 561 -17.66 20.63 46.71
CA GLN A 561 -18.06 20.32 45.35
C GLN A 561 -16.95 19.57 44.62
N THR A 562 -17.36 18.69 43.73
CA THR A 562 -16.45 17.78 43.03
C THR A 562 -16.13 18.31 41.64
N LEU A 563 -14.84 18.39 41.33
CA LEU A 563 -14.37 18.92 40.06
C LEU A 563 -13.55 17.85 39.34
N HIS A 564 -13.43 18.02 38.02
CA HIS A 564 -12.76 17.05 37.15
C HIS A 564 -11.45 17.63 36.64
N LEU A 565 -10.36 16.91 36.90
CA LEU A 565 -9.04 17.27 36.37
C LEU A 565 -8.71 16.33 35.23
N SER A 566 -8.44 16.90 34.05
CA SER A 566 -8.15 16.09 32.87
C SER A 566 -7.16 16.82 31.98
N CYS A 567 -6.45 16.05 31.16
CA CYS A 567 -5.52 16.62 30.19
C CYS A 567 -6.16 16.76 28.82
N PHE A 568 -6.68 15.66 28.28
CA PHE A 568 -7.37 15.65 27.00
C PHE A 568 -8.87 15.65 27.21
N VAL A 569 -9.59 16.31 26.29
CA VAL A 569 -11.03 16.14 26.23
C VAL A 569 -11.37 14.68 25.95
N LYS A 570 -10.93 14.18 24.80
CA LYS A 570 -10.95 12.76 24.48
C LYS A 570 -9.53 12.33 24.18
N MET A 571 -9.13 11.18 24.72
CA MET A 571 -7.77 10.71 24.56
C MET A 571 -7.50 10.38 23.09
N PRO A 572 -6.36 10.80 22.53
CA PRO A 572 -6.03 10.41 21.15
C PRO A 572 -5.95 8.91 21.01
N GLU A 573 -6.31 8.44 19.79
CA GLU A 573 -6.47 7.01 19.56
C GLU A 573 -5.20 6.23 19.85
N VAL A 574 -4.06 6.69 19.33
CA VAL A 574 -2.80 5.98 19.50
C VAL A 574 -2.27 6.04 20.93
N LEU A 575 -2.93 6.78 21.83
CA LEU A 575 -2.46 6.94 23.20
C LEU A 575 -3.33 6.27 24.25
N ARG A 576 -4.55 5.86 23.90
CA ARG A 576 -5.50 5.37 24.88
C ARG A 576 -5.00 4.13 25.61
N LYS A 577 -4.01 3.43 25.07
CA LYS A 577 -3.46 2.24 25.71
C LYS A 577 -2.13 2.54 26.41
N LYS A 578 -2.12 3.59 27.24
CA LYS A 578 -0.96 3.94 28.03
C LYS A 578 -1.41 4.31 29.44
N GLN A 579 -0.57 4.00 30.42
CA GLN A 579 -0.92 4.24 31.81
C GLN A 579 -0.95 5.73 32.11
N THR A 580 -1.99 6.15 32.84
CA THR A 580 -2.15 7.54 33.27
C THR A 580 -1.98 7.58 34.78
N ARG A 581 -0.78 7.94 35.24
CA ARG A 581 -0.46 8.00 36.66
C ARG A 581 -0.45 9.46 37.11
N TRP A 582 -1.30 9.79 38.07
CA TRP A 582 -1.34 11.12 38.65
C TRP A 582 -0.47 11.17 39.90
N TYR A 583 0.35 12.20 40.01
CA TYR A 583 1.17 12.44 41.20
C TYR A 583 0.67 13.70 41.90
N HIS A 584 0.83 13.71 43.22
CA HIS A 584 0.38 14.82 44.05
C HIS A 584 1.45 15.15 45.07
N HIS A 585 1.95 16.38 45.02
CA HIS A 585 2.91 16.88 46.01
C HIS A 585 2.17 17.86 46.91
N SER A 586 1.91 17.45 48.15
CA SER A 586 1.37 18.35 49.17
C SER A 586 2.43 18.59 50.23
N THR A 587 2.45 19.82 50.76
CA THR A 587 3.49 20.19 51.73
C THR A 587 3.49 19.24 52.93
N GLU A 588 2.32 18.86 53.41
CA GLU A 588 2.23 17.97 54.56
C GLU A 588 2.49 16.51 54.18
N LYS A 589 2.05 16.08 52.99
CA LYS A 589 2.13 14.69 52.57
C LYS A 589 3.39 14.38 51.75
N GLY A 590 3.80 15.28 50.86
CA GLY A 590 4.99 15.08 50.08
C GLY A 590 4.73 14.57 48.68
N ARG A 591 5.78 14.05 48.06
CA ARG A 591 5.71 13.48 46.72
C ARG A 591 5.19 12.05 46.78
N TYR A 592 4.08 11.78 46.11
CA TYR A 592 3.53 10.43 46.06
C TYR A 592 2.65 10.27 44.85
N GLU A 593 2.38 9.01 44.50
CA GLU A 593 1.55 8.66 43.36
C GLU A 593 0.11 8.47 43.82
N VAL A 594 -0.83 9.11 43.12
CA VAL A 594 -2.23 9.06 43.51
C VAL A 594 -2.80 7.69 43.17
N ARG A 595 -3.25 6.98 44.19
CA ARG A 595 -3.94 5.71 44.02
C ARG A 595 -5.45 5.93 44.14
N TYR A 596 -6.21 5.26 43.29
CA TYR A 596 -7.64 5.55 43.18
C TYR A 596 -8.43 4.86 44.28
N THR A 597 -9.27 5.62 44.95
CA THR A 597 -10.17 5.15 45.99
C THR A 597 -11.62 5.18 45.49
N PRO A 598 -12.51 4.39 46.09
CA PRO A 598 -13.87 4.28 45.54
C PRO A 598 -14.63 5.59 45.45
N THR A 599 -14.33 6.57 46.30
CA THR A 599 -15.07 7.83 46.33
C THR A 599 -14.22 8.99 45.82
N LYS A 600 -13.22 9.42 46.58
CA LYS A 600 -12.54 10.68 46.29
C LYS A 600 -11.77 10.61 44.97
N TYR A 601 -10.99 9.55 44.76
CA TYR A 601 -10.08 9.45 43.63
C TYR A 601 -10.71 8.57 42.55
N ILE A 602 -11.35 9.20 41.58
CA ILE A 602 -12.01 8.50 40.47
C ILE A 602 -11.19 8.71 39.21
N ASP A 603 -11.02 7.64 38.43
CA ASP A 603 -10.28 7.68 37.18
C ASP A 603 -11.25 7.66 36.01
N THR A 604 -11.01 8.54 35.04
CA THR A 604 -11.84 8.64 33.85
C THR A 604 -11.20 7.90 32.68
N ASN A 605 -12.04 7.55 31.71
CA ASN A 605 -11.55 6.89 30.50
C ASN A 605 -10.68 7.79 29.65
N GLU A 606 -10.67 9.10 29.90
CA GLU A 606 -9.82 10.03 29.17
C GLU A 606 -8.58 10.41 29.96
N GLY A 607 -8.14 9.53 30.88
CA GLY A 607 -6.96 9.81 31.68
C GLY A 607 -7.13 10.91 32.68
N GLY A 608 -8.37 11.26 33.04
CA GLY A 608 -8.61 12.32 33.99
C GLY A 608 -8.61 11.83 35.43
N LEU A 609 -8.82 12.78 36.33
CA LEU A 609 -8.89 12.49 37.76
C LEU A 609 -10.01 13.33 38.37
N VAL A 610 -10.99 12.66 38.95
CA VAL A 610 -12.13 13.31 39.60
C VAL A 610 -11.85 13.36 41.10
N LEU A 611 -12.20 14.49 41.73
CA LEU A 611 -11.96 14.72 43.15
C LEU A 611 -13.29 14.83 43.87
N LEU A 612 -13.86 13.69 44.24
CA LEU A 612 -15.08 13.68 45.03
C LEU A 612 -14.75 14.09 46.46
N ALA A 613 -15.58 14.99 47.02
CA ALA A 613 -15.42 15.52 48.36
C ALA A 613 -14.05 16.18 48.52
N VAL A 614 -13.94 17.37 47.91
CA VAL A 614 -12.71 18.15 47.99
C VAL A 614 -12.61 18.79 49.37
N ASN A 615 -11.37 18.99 49.82
CA ASN A 615 -11.14 19.55 51.16
C ASN A 615 -9.78 20.22 51.18
N GLU A 616 -9.21 20.37 52.38
CA GLU A 616 -7.94 21.07 52.54
C GLU A 616 -6.76 20.20 52.13
N GLY A 617 -6.77 18.92 52.52
CA GLY A 617 -5.65 18.04 52.23
C GLY A 617 -5.51 17.67 50.77
N ASP A 618 -6.50 17.97 49.93
CA ASP A 618 -6.43 17.61 48.52
C ASP A 618 -5.62 18.60 47.72
N GLY A 619 -5.60 19.86 48.13
CA GLY A 619 -4.92 20.89 47.34
C GLY A 619 -3.43 20.63 47.26
N GLY A 620 -2.87 20.96 46.10
CA GLY A 620 -1.44 20.80 45.90
C GLY A 620 -1.09 20.69 44.43
N ARG A 621 0.18 20.39 44.19
CA ARG A 621 0.67 20.18 42.83
C ARG A 621 0.15 18.85 42.31
N TYR A 622 -0.53 18.90 41.16
CA TYR A 622 -1.09 17.71 40.51
C TYR A 622 -0.44 17.55 39.15
N ASP A 623 0.41 16.53 39.02
CA ASP A 623 1.04 16.19 37.76
C ASP A 623 0.41 14.92 37.20
N SER A 624 0.12 14.94 35.90
CA SER A 624 -0.47 13.80 35.20
C SER A 624 0.55 13.26 34.22
N TYR A 625 1.17 12.14 34.57
CA TYR A 625 2.13 11.48 33.71
C TYR A 625 1.43 10.47 32.81
N LEU A 626 2.08 10.14 31.70
CA LEU A 626 1.57 9.15 30.75
C LEU A 626 2.76 8.29 30.32
N ASP A 627 2.86 7.09 30.90
CA ASP A 627 3.99 6.18 30.65
C ASP A 627 5.31 6.83 31.04
N GLY A 628 5.33 7.51 32.18
CA GLY A 628 6.56 8.11 32.69
C GLY A 628 6.96 9.41 32.03
N THR A 629 6.05 10.08 31.34
CA THR A 629 6.32 11.36 30.71
C THR A 629 5.17 12.30 31.00
N LEU A 630 5.49 13.52 31.45
CA LEU A 630 4.47 14.46 31.89
C LEU A 630 3.58 14.89 30.73
N LEU A 631 2.27 14.87 30.93
CA LEU A 631 1.30 15.29 29.94
C LEU A 631 0.69 16.65 30.27
N CYS A 632 0.07 16.78 31.44
CA CYS A 632 -0.48 18.05 31.88
C CYS A 632 -0.41 18.12 33.40
N SER A 633 -0.62 19.31 33.93
CA SER A 633 -0.57 19.54 35.37
C SER A 633 -1.64 20.53 35.78
N TYR A 634 -1.93 20.55 37.08
CA TYR A 634 -2.93 21.45 37.65
C TYR A 634 -2.37 22.17 38.87
#